data_6K6K
#
_entry.id   6K6K
#
_cell.length_a   60.972
_cell.length_b   60.972
_cell.length_c   205.574
_cell.angle_alpha   90.00
_cell.angle_beta   90.00
_cell.angle_gamma   120.00
#
_symmetry.space_group_name_H-M   'P 63 2 2'
#
loop_
_entity.id
_entity.type
_entity.pdbx_description
1 polymer 'Cyanobacterial chloride importer'
2 non-polymer 'CHLORIDE ION'
3 non-polymer RETINAL
4 non-polymer 'OLEIC ACID'
5 water water
#
_entity_poly.entity_id   1
_entity_poly.type   'polypeptide(L)'
_entity_poly.pdbx_seq_one_letter_code
;MTQAWLWIGVISMALGSVFFGFGAHNAKNERWQILYTLNFFICLIAAGLYLAMALGLGVNVIAGRPTYWVRFVTWFCSTP
LLLLDLTFLGRTSLPLTGSLLGANAYMLVTGFVATVTAKPMSYIWYIVSCAAYLAIVYLLAQPYRIAAERKHPRSKQAFR
TLVTVHLVLWTLYPIVWILSPEGFSTFTQGSETMFYTLLDIASKVGFGFLSLNTLHTLEQATEPARETHLSY
;
_entity_poly.pdbx_strand_id   A
#
loop_
_chem_comp.id
_chem_comp.type
_chem_comp.name
_chem_comp.formula
CL non-polymer 'CHLORIDE ION' 'Cl -1'
OLA non-polymer 'OLEIC ACID' 'C18 H34 O2'
RET non-polymer RETINAL 'C20 H28 O'
#
# COMPACT_ATOMS: atom_id res chain seq x y z
N MET A 1 -20.44 3.44 -12.28
CA MET A 1 -19.45 4.20 -11.53
C MET A 1 -18.28 3.32 -11.12
N THR A 2 -18.60 2.20 -10.48
CA THR A 2 -17.56 1.30 -9.96
C THR A 2 -16.74 0.68 -11.09
N GLN A 3 -17.41 0.22 -12.15
CA GLN A 3 -16.68 -0.36 -13.28
C GLN A 3 -15.72 0.64 -13.90
N ALA A 4 -16.08 1.92 -13.88
CA ALA A 4 -15.20 2.95 -14.43
C ALA A 4 -13.92 3.07 -13.61
N TRP A 5 -14.05 3.16 -12.28
CA TRP A 5 -12.88 3.35 -11.43
C TRP A 5 -12.01 2.09 -11.39
N LEU A 6 -12.61 0.92 -11.59
CA LEU A 6 -11.80 -0.30 -11.73
C LEU A 6 -10.95 -0.23 -12.99
N TRP A 7 -11.51 0.25 -14.10
CA TRP A 7 -10.74 0.35 -15.33
C TRP A 7 -9.73 1.49 -15.26
N ILE A 8 -10.05 2.57 -14.55
CA ILE A 8 -9.06 3.61 -14.28
C ILE A 8 -7.87 3.01 -13.55
N GLY A 9 -8.14 2.10 -12.62
CA GLY A 9 -7.05 1.45 -11.90
C GLY A 9 -6.21 0.55 -12.79
N VAL A 10 -6.87 -0.19 -13.68
CA VAL A 10 -6.14 -1.08 -14.60
C VAL A 10 -5.15 -0.27 -15.42
N ILE A 11 -5.64 0.73 -16.15
CA ILE A 11 -4.79 1.50 -17.05
C ILE A 11 -3.72 2.27 -16.29
N SER A 12 -4.10 2.91 -15.17
CA SER A 12 -3.12 3.68 -14.40
C SER A 12 -2.01 2.80 -13.88
N MET A 13 -2.37 1.64 -13.30
CA MET A 13 -1.36 0.72 -12.80
C MET A 13 -0.54 0.14 -13.94
N ALA A 14 -1.19 -0.18 -15.06
CA ALA A 14 -0.47 -0.77 -16.18
C ALA A 14 0.47 0.25 -16.81
N LEU A 15 0.00 1.48 -17.01
CA LEU A 15 0.88 2.54 -17.50
C LEU A 15 1.97 2.86 -16.48
N GLY A 16 1.64 2.78 -15.20
CA GLY A 16 2.67 2.88 -14.17
C GLY A 16 3.69 1.77 -14.27
N SER A 17 3.24 0.56 -14.63
CA SER A 17 4.16 -0.55 -14.79
C SER A 17 5.15 -0.30 -15.93
N VAL A 18 4.67 0.24 -17.04
CA VAL A 18 5.54 0.45 -18.20
C VAL A 18 6.68 1.40 -17.86
N PHE A 19 6.35 2.52 -17.20
CA PHE A 19 7.37 3.51 -16.87
C PHE A 19 8.45 2.91 -15.98
N PHE A 20 8.04 2.30 -14.86
CA PHE A 20 9.02 1.72 -13.94
C PHE A 20 9.76 0.56 -14.59
N GLY A 21 9.11 -0.18 -15.48
CA GLY A 21 9.81 -1.22 -16.21
C GLY A 21 10.84 -0.67 -17.19
N PHE A 22 10.56 0.49 -17.78
CA PHE A 22 11.54 1.12 -18.65
C PHE A 22 12.71 1.68 -17.84
N GLY A 23 12.43 2.27 -16.68
CA GLY A 23 13.49 2.78 -15.85
C GLY A 23 14.39 1.70 -15.30
N ALA A 24 13.84 0.51 -15.04
CA ALA A 24 14.66 -0.60 -14.56
C ALA A 24 15.59 -1.11 -15.64
N HIS A 25 15.17 -1.05 -16.91
CA HIS A 25 16.02 -1.54 -17.98
C HIS A 25 17.17 -0.58 -18.27
N ASN A 26 16.94 0.72 -18.11
CA ASN A 26 17.95 1.75 -18.41
C ASN A 26 18.57 2.34 -17.14
N ALA A 27 18.53 1.61 -16.03
CA ALA A 27 19.11 2.11 -14.79
C ALA A 27 20.63 2.18 -14.90
N LYS A 28 21.20 3.31 -14.49
CA LYS A 28 22.63 3.53 -14.64
C LYS A 28 23.46 2.81 -13.59
N ASN A 29 22.88 2.49 -12.43
CA ASN A 29 23.56 1.69 -11.43
C ASN A 29 22.58 0.69 -10.82
N GLU A 30 23.12 -0.19 -9.97
CA GLU A 30 22.30 -1.25 -9.37
C GLU A 30 21.32 -0.70 -8.35
N ARG A 31 21.70 0.37 -7.64
CA ARG A 31 20.79 0.95 -6.64
C ARG A 31 19.53 1.50 -7.30
N TRP A 32 19.67 2.10 -8.49
CA TRP A 32 18.50 2.58 -9.21
C TRP A 32 17.70 1.43 -9.81
N GLN A 33 18.37 0.36 -10.24
CA GLN A 33 17.67 -0.76 -10.84
C GLN A 33 16.80 -1.48 -9.82
N ILE A 34 17.28 -1.62 -8.59
CA ILE A 34 16.51 -2.30 -7.55
C ILE A 34 15.24 -1.52 -7.24
N LEU A 35 15.37 -0.21 -7.06
CA LEU A 35 14.20 0.62 -6.75
C LEU A 35 13.21 0.63 -7.91
N TYR A 36 13.71 0.74 -9.14
CA TYR A 36 12.83 0.69 -10.30
C TYR A 36 12.13 -0.66 -10.38
N THR A 37 12.86 -1.75 -10.13
CA THR A 37 12.27 -3.08 -10.20
C THR A 37 11.24 -3.27 -9.10
N LEU A 38 11.52 -2.77 -7.89
CA LEU A 38 10.56 -2.86 -6.79
C LEU A 38 9.24 -2.22 -7.17
N ASN A 39 9.26 -0.95 -7.59
CA ASN A 39 8.04 -0.26 -7.98
C ASN A 39 7.40 -0.87 -9.22
N PHE A 40 8.19 -1.55 -10.06
CA PHE A 40 7.62 -2.21 -11.22
C PHE A 40 6.71 -3.37 -10.80
N PHE A 41 7.18 -4.21 -9.89
CA PHE A 41 6.35 -5.31 -9.42
C PHE A 41 5.17 -4.80 -8.63
N ILE A 42 5.34 -3.70 -7.88
CA ILE A 42 4.26 -3.11 -7.12
C ILE A 42 3.11 -2.73 -8.04
N CYS A 43 3.41 -2.07 -9.16
CA CYS A 43 2.37 -1.67 -10.09
C CYS A 43 1.87 -2.87 -10.90
N LEU A 44 2.71 -3.88 -11.10
CA LEU A 44 2.30 -5.06 -11.85
C LEU A 44 1.28 -5.88 -11.06
N ILE A 45 1.54 -6.06 -9.76
CA ILE A 45 0.58 -6.75 -8.89
C ILE A 45 -0.73 -5.99 -8.84
N ALA A 46 -0.65 -4.65 -8.76
CA ALA A 46 -1.87 -3.84 -8.65
C ALA A 46 -2.66 -3.85 -9.96
N ALA A 47 -1.97 -3.87 -11.10
CA ALA A 47 -2.66 -3.99 -12.38
C ALA A 47 -3.44 -5.30 -12.48
N GLY A 48 -2.82 -6.40 -12.03
CA GLY A 48 -3.52 -7.67 -12.04
C GLY A 48 -4.73 -7.67 -11.12
N LEU A 49 -4.61 -6.99 -9.98
CA LEU A 49 -5.74 -6.86 -9.06
C LEU A 49 -6.91 -6.16 -9.74
N TYR A 50 -6.66 -4.99 -10.32
CA TYR A 50 -7.76 -4.23 -10.91
C TYR A 50 -8.30 -4.89 -12.17
N LEU A 51 -7.46 -5.58 -12.93
CA LEU A 51 -7.96 -6.35 -14.06
C LEU A 51 -8.89 -7.47 -13.57
N ALA A 52 -8.54 -8.12 -12.46
CA ALA A 52 -9.40 -9.15 -11.91
C ALA A 52 -10.72 -8.57 -11.43
N MET A 53 -10.67 -7.44 -10.72
CA MET A 53 -11.89 -6.81 -10.23
C MET A 53 -12.73 -6.27 -11.38
N ALA A 54 -12.09 -5.63 -12.36
CA ALA A 54 -12.83 -5.11 -13.51
C ALA A 54 -13.56 -6.21 -14.25
N LEU A 55 -13.04 -7.43 -14.24
CA LEU A 55 -13.64 -8.56 -14.92
C LEU A 55 -14.59 -9.35 -14.03
N GLY A 56 -14.91 -8.83 -12.85
CA GLY A 56 -15.87 -9.50 -11.98
C GLY A 56 -15.33 -10.69 -11.22
N LEU A 57 -14.03 -10.72 -10.95
CA LEU A 57 -13.39 -11.83 -10.25
C LEU A 57 -13.03 -11.41 -8.84
N GLY A 58 -12.90 -12.41 -7.98
CA GLY A 58 -12.47 -12.18 -6.61
C GLY A 58 -13.42 -11.36 -5.77
N VAL A 59 -14.72 -11.61 -5.91
CA VAL A 59 -15.74 -10.88 -5.15
C VAL A 59 -16.89 -11.82 -4.83
N ASN A 60 -17.16 -12.01 -3.54
CA ASN A 60 -18.30 -12.77 -3.05
C ASN A 60 -19.02 -11.94 -2.01
N VAL A 61 -20.34 -11.78 -2.16
CA VAL A 61 -21.09 -10.89 -1.27
C VAL A 61 -21.00 -11.41 0.17
N ILE A 62 -20.70 -10.49 1.09
CA ILE A 62 -20.75 -10.75 2.52
C ILE A 62 -21.67 -9.71 3.15
N ALA A 63 -22.66 -10.18 3.90
CA ALA A 63 -23.64 -9.33 4.57
C ALA A 63 -24.46 -8.49 3.58
N GLY A 64 -24.73 -9.05 2.41
CA GLY A 64 -25.54 -8.38 1.41
C GLY A 64 -24.82 -7.33 0.58
N ARG A 65 -23.52 -7.10 0.81
CA ARG A 65 -22.78 -6.06 0.11
C ARG A 65 -21.70 -6.68 -0.78
N PRO A 66 -21.39 -6.04 -1.91
CA PRO A 66 -20.29 -6.53 -2.77
C PRO A 66 -18.95 -6.36 -2.07
N THR A 67 -18.22 -7.46 -1.91
CA THR A 67 -16.96 -7.48 -1.17
C THR A 67 -15.85 -8.02 -2.05
N TYR A 68 -14.95 -7.14 -2.47
CA TYR A 68 -13.78 -7.52 -3.27
C TYR A 68 -12.69 -8.03 -2.33
N TRP A 69 -12.80 -9.30 -1.94
CA TRP A 69 -11.80 -9.89 -1.06
C TRP A 69 -10.45 -10.07 -1.74
N VAL A 70 -10.41 -9.98 -3.06
CA VAL A 70 -9.16 -10.14 -3.81
C VAL A 70 -8.17 -9.04 -3.46
N ARG A 71 -8.64 -7.90 -2.97
CA ARG A 71 -7.73 -6.82 -2.57
C ARG A 71 -6.72 -7.31 -1.55
N PHE A 72 -7.18 -8.04 -0.54
CA PHE A 72 -6.30 -8.50 0.52
C PHE A 72 -5.27 -9.51 0.01
N VAL A 73 -5.62 -10.26 -1.03
CA VAL A 73 -4.67 -11.22 -1.61
C VAL A 73 -3.53 -10.48 -2.31
N THR A 74 -3.84 -9.42 -3.06
CA THR A 74 -2.80 -8.70 -3.78
C THR A 74 -2.09 -7.68 -2.88
N TRP A 75 -2.81 -7.03 -1.99
CA TRP A 75 -2.17 -6.18 -0.98
C TRP A 75 -1.12 -6.96 -0.20
N PHE A 76 -1.39 -8.25 0.05
CA PHE A 76 -0.45 -9.07 0.82
C PHE A 76 0.90 -9.19 0.14
N CYS A 77 0.94 -9.12 -1.20
CA CYS A 77 2.18 -9.19 -1.94
C CYS A 77 2.74 -7.83 -2.34
N SER A 78 1.87 -6.82 -2.49
CA SER A 78 2.31 -5.51 -2.96
C SER A 78 2.74 -4.60 -1.81
N THR A 79 2.06 -4.65 -0.66
CA THR A 79 2.39 -3.78 0.45
C THR A 79 3.73 -4.10 1.12
N PRO A 80 4.16 -5.36 1.22
CA PRO A 80 5.52 -5.59 1.73
C PRO A 80 6.59 -5.05 0.80
N LEU A 81 6.35 -5.05 -0.51
CA LEU A 81 7.29 -4.44 -1.43
C LEU A 81 7.37 -2.93 -1.24
N LEU A 82 6.23 -2.30 -0.92
CA LEU A 82 6.26 -0.86 -0.63
C LEU A 82 7.04 -0.58 0.65
N LEU A 83 6.99 -1.48 1.62
CA LEU A 83 7.83 -1.34 2.81
C LEU A 83 9.30 -1.54 2.47
N LEU A 84 9.58 -2.46 1.54
CA LEU A 84 10.95 -2.66 1.08
C LEU A 84 11.50 -1.44 0.38
N ASP A 85 10.63 -0.67 -0.30
CA ASP A 85 11.03 0.65 -0.80
C ASP A 85 11.66 1.49 0.30
N LEU A 86 10.99 1.55 1.46
CA LEU A 86 11.47 2.37 2.57
C LEU A 86 12.76 1.80 3.15
N THR A 87 12.79 0.50 3.43
CA THR A 87 13.96 -0.09 4.08
C THR A 87 15.17 -0.09 3.15
N PHE A 88 14.95 -0.19 1.84
CA PHE A 88 16.08 -0.16 0.90
C PHE A 88 16.69 1.24 0.82
N LEU A 89 15.85 2.28 0.80
CA LEU A 89 16.38 3.64 0.76
C LEU A 89 17.10 3.99 2.05
N GLY A 90 16.57 3.56 3.19
CA GLY A 90 17.20 3.85 4.46
C GLY A 90 18.31 2.93 4.88
N ARG A 91 18.56 1.86 4.11
CA ARG A 91 19.51 0.81 4.50
C ARG A 91 19.18 0.28 5.89
N THR A 92 17.90 0.00 6.10
CA THR A 92 17.40 -0.45 7.39
C THR A 92 17.93 -1.84 7.72
N SER A 93 18.20 -2.07 9.01
CA SER A 93 18.65 -3.37 9.44
C SER A 93 17.57 -4.42 9.19
N LEU A 94 18.02 -5.64 8.88
CA LEU A 94 17.07 -6.71 8.58
C LEU A 94 16.11 -7.04 9.72
N PRO A 95 16.50 -7.01 11.00
CA PRO A 95 15.51 -7.26 12.06
C PRO A 95 14.35 -6.29 12.07
N LEU A 96 14.61 -4.98 11.91
CA LEU A 96 13.51 -4.03 11.82
C LEU A 96 12.69 -4.26 10.56
N THR A 97 13.35 -4.59 9.46
CA THR A 97 12.62 -4.93 8.23
C THR A 97 11.67 -6.10 8.47
N GLY A 98 12.12 -7.09 9.25
CA GLY A 98 11.27 -8.25 9.50
C GLY A 98 10.07 -7.93 10.38
N SER A 99 10.25 -7.05 11.36
CA SER A 99 9.13 -6.65 12.20
C SER A 99 8.11 -5.85 11.40
N LEU A 100 8.57 -5.01 10.48
CA LEU A 100 7.66 -4.27 9.62
C LEU A 100 6.86 -5.20 8.71
N LEU A 101 7.53 -6.17 8.09
CA LEU A 101 6.82 -7.10 7.22
C LEU A 101 5.89 -8.02 7.99
N GLY A 102 6.26 -8.36 9.24
CA GLY A 102 5.39 -9.22 10.02
C GLY A 102 4.15 -8.49 10.52
N ALA A 103 4.33 -7.27 11.01
CA ALA A 103 3.19 -6.47 11.44
C ALA A 103 2.28 -6.16 10.26
N ASN A 104 2.86 -5.92 9.09
CA ASN A 104 2.05 -5.66 7.90
C ASN A 104 1.27 -6.91 7.49
N ALA A 105 1.91 -8.08 7.50
CA ALA A 105 1.20 -9.31 7.17
C ALA A 105 0.08 -9.56 8.18
N TYR A 106 0.32 -9.26 9.45
CA TYR A 106 -0.70 -9.45 10.48
C TYR A 106 -1.86 -8.47 10.30
N MET A 107 -1.54 -7.21 10.00
CA MET A 107 -2.59 -6.22 9.76
C MET A 107 -3.52 -6.64 8.63
N LEU A 108 -2.96 -7.21 7.56
CA LEU A 108 -3.78 -7.51 6.39
C LEU A 108 -4.64 -8.73 6.60
N VAL A 109 -4.10 -9.79 7.22
CA VAL A 109 -4.89 -11.00 7.43
C VAL A 109 -6.04 -10.73 8.40
N THR A 110 -5.78 -9.99 9.47
CA THR A 110 -6.86 -9.66 10.40
C THR A 110 -7.83 -8.68 9.79
N GLY A 111 -7.35 -7.78 8.94
CA GLY A 111 -8.24 -6.91 8.20
C GLY A 111 -9.10 -7.67 7.21
N PHE A 112 -8.56 -8.76 6.67
CA PHE A 112 -9.36 -9.64 5.82
C PHE A 112 -10.50 -10.28 6.61
N VAL A 113 -10.19 -10.76 7.82
CA VAL A 113 -11.21 -11.41 8.64
C VAL A 113 -12.33 -10.44 8.98
N ALA A 114 -11.97 -9.18 9.27
CA ALA A 114 -13.00 -8.19 9.57
C ALA A 114 -13.91 -7.95 8.37
N THR A 115 -13.37 -8.09 7.16
CA THR A 115 -14.16 -7.80 5.96
C THR A 115 -15.19 -8.89 5.69
N VAL A 116 -14.90 -10.14 6.04
CA VAL A 116 -15.74 -11.26 5.64
C VAL A 116 -16.46 -11.90 6.83
N THR A 117 -16.61 -11.17 7.92
CA THR A 117 -17.28 -11.69 9.10
C THR A 117 -18.59 -10.96 9.34
N ALA A 118 -19.40 -11.53 10.24
CA ALA A 118 -20.68 -10.96 10.59
C ALA A 118 -20.51 -9.55 11.14
N LYS A 119 -21.56 -8.74 11.00
CA LYS A 119 -21.47 -7.30 11.26
C LYS A 119 -21.00 -6.96 12.67
N PRO A 120 -21.52 -7.58 13.76
CA PRO A 120 -21.02 -7.22 15.10
C PRO A 120 -19.59 -7.64 15.35
N MET A 121 -19.29 -8.91 15.07
CA MET A 121 -17.96 -9.46 15.32
C MET A 121 -16.88 -8.78 14.48
N SER A 122 -17.26 -8.18 13.33
CA SER A 122 -16.26 -7.60 12.44
C SER A 122 -15.41 -6.53 13.13
N TYR A 123 -16.01 -5.78 14.06
CA TYR A 123 -15.29 -4.67 14.67
C TYR A 123 -14.18 -5.12 15.60
N ILE A 124 -14.24 -6.35 16.12
CA ILE A 124 -13.13 -6.87 16.91
C ILE A 124 -11.88 -7.00 16.04
N TRP A 125 -12.03 -7.62 14.88
CA TRP A 125 -10.88 -7.79 13.99
C TRP A 125 -10.41 -6.46 13.41
N TYR A 126 -11.33 -5.51 13.18
CA TYR A 126 -10.94 -4.18 12.77
C TYR A 126 -10.03 -3.53 13.81
N ILE A 127 -10.43 -3.61 15.09
CA ILE A 127 -9.60 -3.09 16.16
C ILE A 127 -8.26 -3.81 16.20
N VAL A 128 -8.28 -5.13 16.02
CA VAL A 128 -7.03 -5.90 15.94
C VAL A 128 -6.16 -5.37 14.81
N SER A 129 -6.75 -5.28 13.60
CA SER A 129 -5.97 -4.85 12.44
C SER A 129 -5.45 -3.43 12.61
N CYS A 130 -6.25 -2.54 13.20
CA CYS A 130 -5.78 -1.18 13.45
C CYS A 130 -4.63 -1.17 14.46
N ALA A 131 -4.68 -2.04 15.47
CA ALA A 131 -3.59 -2.11 16.43
C ALA A 131 -2.30 -2.55 15.75
N ALA A 132 -2.38 -3.51 14.82
CA ALA A 132 -1.21 -3.90 14.06
C ALA A 132 -0.71 -2.76 13.17
N TYR A 133 -1.63 -1.94 12.65
CA TYR A 133 -1.21 -0.78 11.87
C TYR A 133 -0.51 0.24 12.75
N LEU A 134 -1.00 0.44 13.97
CA LEU A 134 -0.35 1.37 14.89
C LEU A 134 1.10 0.99 15.16
N ALA A 135 1.38 -0.32 15.20
CA ALA A 135 2.76 -0.77 15.34
C ALA A 135 3.60 -0.30 14.16
N ILE A 136 3.07 -0.44 12.94
CA ILE A 136 3.78 0.03 11.76
C ILE A 136 4.04 1.53 11.85
N VAL A 137 3.03 2.30 12.26
CA VAL A 137 3.18 3.75 12.40
C VAL A 137 4.34 4.06 13.35
N TYR A 138 4.39 3.38 14.50
CA TYR A 138 5.49 3.60 15.43
C TYR A 138 6.81 3.17 14.81
N LEU A 139 6.85 1.99 14.18
CA LEU A 139 8.10 1.50 13.63
C LEU A 139 8.65 2.43 12.56
N LEU A 140 7.77 3.01 11.75
CA LEU A 140 8.23 3.88 10.66
C LEU A 140 8.55 5.27 11.16
N ALA A 141 7.76 5.80 12.09
CA ALA A 141 7.94 7.18 12.55
C ALA A 141 9.07 7.31 13.55
N GLN A 142 9.39 6.26 14.31
CA GLN A 142 10.46 6.41 15.29
C GLN A 142 11.70 5.61 14.89
N PRO A 143 11.79 4.28 15.11
CA PRO A 143 13.10 3.62 14.90
C PRO A 143 13.57 3.63 13.45
N TYR A 144 12.67 3.47 12.48
CA TYR A 144 13.09 3.50 11.08
C TYR A 144 13.62 4.87 10.70
N ARG A 145 12.87 5.92 11.03
CA ARG A 145 13.22 7.27 10.60
C ARG A 145 14.50 7.76 11.26
N ILE A 146 14.64 7.51 12.56
CA ILE A 146 15.85 7.96 13.26
C ILE A 146 17.07 7.21 12.73
N ALA A 147 16.94 5.91 12.50
CA ALA A 147 18.06 5.17 11.91
C ALA A 147 18.41 5.71 10.53
N ALA A 148 17.40 6.07 9.73
CA ALA A 148 17.65 6.56 8.39
C ALA A 148 18.29 7.95 8.42
N GLU A 149 17.80 8.83 9.29
CA GLU A 149 18.41 10.14 9.44
C GLU A 149 19.85 10.05 9.91
N ARG A 150 20.15 9.07 10.78
CA ARG A 150 21.51 8.95 11.31
C ARG A 150 22.50 8.51 10.25
N LYS A 151 22.04 7.77 9.24
CA LYS A 151 22.91 7.35 8.16
C LYS A 151 23.00 8.40 7.05
N HIS A 152 21.96 9.21 6.88
CA HIS A 152 21.91 10.24 5.84
C HIS A 152 21.62 11.59 6.49
N PRO A 153 22.56 12.11 7.30
CA PRO A 153 22.26 13.30 8.10
C PRO A 153 22.14 14.58 7.29
N ARG A 154 22.45 14.57 6.00
CA ARG A 154 22.25 15.72 5.13
C ARG A 154 20.96 15.65 4.35
N SER A 155 20.10 14.67 4.65
CA SER A 155 18.88 14.45 3.89
C SER A 155 17.76 13.99 4.82
N LYS A 156 17.72 14.56 6.02
CA LYS A 156 16.73 14.13 7.01
C LYS A 156 15.31 14.46 6.56
N GLN A 157 15.13 15.59 5.90
CA GLN A 157 13.78 15.96 5.43
C GLN A 157 13.31 15.06 4.30
N ALA A 158 14.24 14.49 3.54
CA ALA A 158 13.86 13.54 2.49
C ALA A 158 13.13 12.34 3.09
N PHE A 159 13.71 11.74 4.13
CA PHE A 159 13.05 10.62 4.78
C PHE A 159 11.82 11.07 5.55
N ARG A 160 11.82 12.29 6.08
CA ARG A 160 10.66 12.80 6.81
C ARG A 160 9.47 12.96 5.88
N THR A 161 9.67 13.59 4.72
CA THR A 161 8.59 13.68 3.74
C THR A 161 8.16 12.29 3.28
N LEU A 162 9.12 11.40 3.07
CA LEU A 162 8.81 10.05 2.61
C LEU A 162 7.90 9.32 3.59
N VAL A 163 8.26 9.31 4.87
CA VAL A 163 7.46 8.61 5.87
C VAL A 163 6.11 9.29 6.05
N THR A 164 6.08 10.63 6.03
CA THR A 164 4.84 11.36 6.20
C THR A 164 3.86 11.03 5.09
N VAL A 165 4.31 11.11 3.83
CA VAL A 165 3.43 10.82 2.71
C VAL A 165 2.96 9.37 2.76
N HIS A 166 3.88 8.44 3.05
CA HIS A 166 3.53 7.04 3.14
C HIS A 166 2.50 6.79 4.25
N LEU A 167 2.69 7.40 5.41
CA LEU A 167 1.79 7.13 6.54
C LEU A 167 0.47 7.87 6.41
N VAL A 168 0.46 9.07 5.82
CA VAL A 168 -0.81 9.74 5.56
C VAL A 168 -1.68 8.90 4.63
N LEU A 169 -1.06 8.32 3.60
CA LEU A 169 -1.84 7.54 2.64
C LEU A 169 -2.32 6.22 3.24
N TRP A 170 -1.43 5.53 3.97
CA TRP A 170 -1.83 4.27 4.59
C TRP A 170 -2.91 4.49 5.64
N THR A 171 -2.84 5.61 6.37
CA THR A 171 -3.84 5.90 7.39
C THR A 171 -5.22 6.11 6.79
N LEU A 172 -5.30 6.53 5.52
CA LEU A 172 -6.59 6.77 4.91
C LEU A 172 -7.36 5.49 4.63
N TYR A 173 -6.67 4.34 4.59
CA TYR A 173 -7.35 3.08 4.28
C TYR A 173 -8.31 2.64 5.38
N PRO A 174 -7.92 2.60 6.66
CA PRO A 174 -8.90 2.22 7.70
C PRO A 174 -10.01 3.23 7.86
N ILE A 175 -9.79 4.49 7.47
CA ILE A 175 -10.86 5.48 7.51
C ILE A 175 -11.92 5.15 6.48
N VAL A 176 -11.51 4.82 5.26
CA VAL A 176 -12.47 4.41 4.23
C VAL A 176 -13.19 3.14 4.66
N TRP A 177 -12.45 2.20 5.24
CA TRP A 177 -13.04 0.91 5.64
C TRP A 177 -14.13 1.09 6.67
N ILE A 178 -13.85 1.82 7.76
CA ILE A 178 -14.81 1.94 8.86
C ILE A 178 -16.07 2.70 8.46
N LEU A 179 -16.01 3.51 7.40
CA LEU A 179 -17.17 4.29 6.97
C LEU A 179 -17.88 3.69 5.75
N SER A 180 -17.32 2.63 5.15
CA SER A 180 -17.85 1.99 3.96
C SER A 180 -18.87 0.92 4.36
N PRO A 181 -19.55 0.25 3.40
CA PRO A 181 -20.54 -0.78 3.78
C PRO A 181 -20.10 -1.81 4.80
N GLU A 182 -18.83 -2.26 4.77
CA GLU A 182 -18.40 -3.25 5.74
C GLU A 182 -18.18 -2.66 7.13
N GLY A 183 -18.28 -1.34 7.27
CA GLY A 183 -18.21 -0.72 8.58
C GLY A 183 -19.56 -0.13 8.99
N PHE A 184 -19.59 1.17 9.26
CA PHE A 184 -20.84 1.85 9.59
C PHE A 184 -21.70 2.16 8.37
N SER A 185 -21.20 1.90 7.15
CA SER A 185 -22.00 2.00 5.92
C SER A 185 -22.58 3.40 5.74
N THR A 186 -21.72 4.42 5.84
CA THR A 186 -22.22 5.77 5.71
C THR A 186 -22.35 6.20 4.25
N PHE A 187 -21.52 5.68 3.36
CA PHE A 187 -21.65 5.97 1.93
C PHE A 187 -21.79 4.66 1.14
N THR A 188 -21.83 4.81 -0.18
CA THR A 188 -22.20 3.72 -1.08
C THR A 188 -21.05 2.73 -1.23
N GLN A 189 -21.29 1.70 -2.04
CA GLN A 189 -20.23 0.77 -2.41
C GLN A 189 -19.40 1.33 -3.57
N GLY A 190 -19.99 2.16 -4.42
CA GLY A 190 -19.23 2.75 -5.51
C GLY A 190 -18.20 3.74 -5.03
N SER A 191 -18.54 4.53 -4.00
CA SER A 191 -17.58 5.49 -3.46
C SER A 191 -16.43 4.78 -2.75
N GLU A 192 -16.68 3.63 -2.14
CA GLU A 192 -15.60 2.86 -1.52
C GLU A 192 -14.59 2.41 -2.57
N THR A 193 -15.08 1.89 -3.70
CA THR A 193 -14.18 1.49 -4.78
C THR A 193 -13.37 2.67 -5.29
N MET A 194 -14.02 3.83 -5.48
CA MET A 194 -13.30 5.01 -5.92
C MET A 194 -12.24 5.43 -4.91
N PHE A 195 -12.57 5.38 -3.61
CA PHE A 195 -11.61 5.75 -2.58
C PHE A 195 -10.38 4.85 -2.65
N TYR A 196 -10.59 3.52 -2.62
CA TYR A 196 -9.46 2.60 -2.65
C TYR A 196 -8.65 2.75 -3.94
N THR A 197 -9.33 3.03 -5.06
CA THR A 197 -8.64 3.18 -6.33
C THR A 197 -7.76 4.43 -6.34
N LEU A 198 -8.33 5.56 -5.93
CA LEU A 198 -7.52 6.78 -5.75
C LEU A 198 -6.36 6.53 -4.79
N LEU A 199 -6.65 5.87 -3.66
CA LEU A 199 -5.60 5.60 -2.68
C LEU A 199 -4.54 4.67 -3.24
N ASP A 200 -4.97 3.57 -3.88
CA ASP A 200 -4.02 2.63 -4.47
C ASP A 200 -3.12 3.32 -5.49
N ILE A 201 -3.69 4.17 -6.34
CA ILE A 201 -2.90 4.88 -7.33
C ILE A 201 -1.88 5.79 -6.66
N ALA A 202 -2.30 6.52 -5.62
CA ALA A 202 -1.38 7.41 -4.93
C ALA A 202 -0.27 6.64 -4.23
N SER A 203 -0.63 5.57 -3.52
CA SER A 203 0.34 4.87 -2.68
C SER A 203 1.26 3.96 -3.50
N LYS A 204 0.98 3.75 -4.78
CA LYS A 204 1.83 2.91 -5.60
C LYS A 204 2.49 3.68 -6.73
N VAL A 205 1.70 4.32 -7.60
CA VAL A 205 2.29 5.16 -8.66
C VAL A 205 2.85 6.43 -8.06
N GLY A 206 2.03 7.19 -7.34
CA GLY A 206 2.49 8.43 -6.75
C GLY A 206 3.67 8.22 -5.80
N PHE A 207 3.55 7.24 -4.90
CA PHE A 207 4.65 6.96 -3.99
C PHE A 207 5.87 6.42 -4.73
N GLY A 208 5.66 5.67 -5.81
CA GLY A 208 6.79 5.20 -6.59
C GLY A 208 7.60 6.34 -7.19
N PHE A 209 6.91 7.38 -7.68
CA PHE A 209 7.63 8.57 -8.15
C PHE A 209 8.38 9.24 -7.01
N LEU A 210 7.75 9.31 -5.82
CA LEU A 210 8.40 9.93 -4.67
C LEU A 210 9.65 9.19 -4.26
N SER A 211 9.63 7.85 -4.33
CA SER A 211 10.80 7.07 -3.93
C SER A 211 11.98 7.35 -4.85
N LEU A 212 11.73 7.52 -6.15
CA LEU A 212 12.81 7.88 -7.06
C LEU A 212 13.35 9.26 -6.74
N ASN A 213 12.46 10.22 -6.47
CA ASN A 213 12.89 11.56 -6.08
C ASN A 213 13.72 11.52 -4.80
N THR A 214 13.37 10.62 -3.88
CA THR A 214 14.13 10.50 -2.64
C THR A 214 15.52 9.93 -2.90
N LEU A 215 15.61 8.92 -3.77
CA LEU A 215 16.90 8.31 -4.07
C LEU A 215 17.84 9.31 -4.73
N HIS A 216 17.32 10.17 -5.60
CA HIS A 216 18.15 11.20 -6.20
C HIS A 216 18.67 12.17 -5.15
N THR A 217 17.80 12.55 -4.20
CA THR A 217 18.24 13.41 -3.11
C THR A 217 19.35 12.74 -2.30
N LEU A 218 19.24 11.43 -2.08
CA LEU A 218 20.31 10.69 -1.43
C LEU A 218 21.58 10.67 -2.27
N GLU A 219 21.45 10.85 -3.59
CA GLU A 219 22.57 10.83 -4.53
C GLU A 219 23.26 9.46 -4.53
CL CL B . -2.21 -4.60 -4.85
CL CL C . 22.94 11.78 2.83
C1 RET D . -7.87 -2.18 6.56
C2 RET D . -9.06 -2.34 7.52
C3 RET D . -8.67 -2.87 8.90
C4 RET D . -7.62 -2.01 9.57
C5 RET D . -6.69 -1.31 8.61
C6 RET D . -6.66 -1.59 7.30
C7 RET D . -5.72 -0.92 6.43
C8 RET D . -4.89 -1.44 5.51
C9 RET D . -3.96 -0.70 4.69
C10 RET D . -3.87 -0.99 3.37
C11 RET D . -3.00 -0.36 2.41
C12 RET D . -2.77 -0.87 1.19
C13 RET D . -1.92 -0.30 0.17
C14 RET D . -1.93 -0.85 -1.07
C15 RET D . -1.15 -0.44 -2.22
C16 RET D . -7.52 -3.57 6.01
C17 RET D . -8.29 -1.28 5.40
C18 RET D . -5.64 -0.49 9.31
C19 RET D . -3.13 0.38 5.35
C20 RET D . -1.04 0.87 0.54
C1 OLA E . 7.29 12.53 16.36
O1 OLA E . 7.31 13.71 16.77
O2 OLA E . 8.25 12.11 15.67
C2 OLA E . 6.13 11.61 16.70
C3 OLA E . 5.90 10.65 15.54
C4 OLA E . 4.43 10.64 15.14
C5 OLA E . 3.59 9.93 16.18
C6 OLA E . 2.38 9.24 15.54
C7 OLA E . 1.07 9.83 16.05
C8 OLA E . -0.11 8.95 15.67
C9 OLA E . -0.64 9.39 14.32
C10 OLA E . -1.89 8.80 13.78
C11 OLA E . -2.10 7.31 13.80
C12 OLA E . -3.26 6.94 12.87
C13 OLA E . -3.42 5.44 12.73
C14 OLA E . -4.76 4.95 13.27
C15 OLA E . -5.62 4.37 12.15
C16 OLA E . -7.05 4.13 12.62
C17 OLA E . -8.02 5.15 12.06
C18 OLA E . -9.43 4.93 12.60
C1 OLA F . -13.80 -15.60 -8.05
O1 OLA F . -14.32 -15.18 -9.11
O2 OLA F . -14.27 -15.21 -6.96
C2 OLA F . -12.66 -16.59 -8.10
C3 OLA F . -11.83 -16.38 -9.36
C4 OLA F . -10.34 -16.45 -9.07
C5 OLA F . -9.81 -15.14 -8.49
C6 OLA F . -8.35 -14.94 -8.93
C7 OLA F . -7.61 -13.94 -8.05
C8 OLA F . -6.33 -13.48 -8.73
C9 OLA F . -5.83 -12.20 -8.11
C10 OLA F . -4.96 -11.29 -8.87
C11 OLA F . -4.00 -11.84 -9.90
C12 OLA F . -2.96 -10.78 -10.26
C13 OLA F . -1.99 -10.54 -9.11
C14 OLA F . -0.71 -11.35 -9.27
C15 OLA F . -0.03 -11.53 -7.93
C16 OLA F . 1.38 -12.11 -8.08
C17 OLA F . 1.98 -12.39 -6.71
C18 OLA F . 3.51 -12.42 -6.77
C1 OLA G . 21.77 -7.57 -12.13
O1 OLA G . 21.86 -8.54 -11.34
O2 OLA G . 22.44 -6.54 -11.91
C2 OLA G . 20.87 -7.64 -13.34
C3 OLA G . 19.49 -8.15 -12.93
C4 OLA G . 18.57 -6.98 -12.61
C5 OLA G . 17.16 -7.46 -12.31
C6 OLA G . 16.36 -7.58 -13.59
C7 OLA G . 15.39 -6.41 -13.78
C8 OLA G . 14.22 -6.84 -14.65
C9 OLA G . 12.99 -6.03 -14.34
C10 OLA G . 11.67 -6.67 -14.43
C11 OLA G . 11.54 -7.99 -15.14
C12 OLA G . 10.08 -8.24 -15.54
C13 OLA G . 9.49 -9.42 -14.77
C14 OLA G . 8.07 -9.14 -14.30
C15 OLA G . 7.03 -9.82 -15.19
C16 OLA G . 6.49 -8.87 -16.25
C17 OLA G . 5.09 -9.29 -16.68
C18 OLA G . 4.53 -8.37 -17.74
C1 OLA H . 13.87 10.58 -11.57
O1 OLA H . 14.96 9.99 -11.78
O2 OLA H . 13.58 10.92 -10.40
C2 OLA H . 12.92 10.88 -12.71
C3 OLA H . 13.16 9.89 -13.84
C4 OLA H . 12.92 10.53 -15.20
C5 OLA H . 11.44 10.44 -15.57
C6 OLA H . 11.02 11.57 -16.51
C7 OLA H . 9.98 11.08 -17.50
C8 OLA H . 8.71 10.59 -16.80
C9 OLA H . 7.58 10.47 -17.79
C10 OLA H . 6.19 10.38 -17.32
C11 OLA H . 5.45 9.05 -17.30
C12 OLA H . 4.08 9.26 -16.65
C13 OLA H . 2.98 8.42 -17.30
C14 OLA H . 2.80 7.09 -16.56
C15 OLA H . 1.97 7.25 -15.29
C16 OLA H . 0.47 7.24 -15.57
C17 OLA H . -0.33 7.67 -14.35
C18 OLA H . -1.79 7.25 -14.46
#